data_2N8R
#
_entry.id   2N8R
#
loop_
_entity.id
_entity.type
_entity.pdbx_description
1 polymer 'Macrophage metalloelastase'
2 polymer 'Collagen triple helix repeat family protein'
3 non-polymer 'ZINC ION'
4 non-polymer 'CALCIUM ION'
5 water water
#
loop_
_entity_poly.entity_id
_entity_poly.type
_entity_poly.pdbx_seq_one_letter_code
_entity_poly.pdbx_strand_id
1 'polypeptide(L)'
;FREMPGGPVWRKHYITYRINNYTPDMNREDVDYAIRKAFQVWSNVTPLKFSKINTGMADILVVFARGAHGDFHAFDGKGG
ILAHAFGPGSGIGGDAHFDEDEFWTTHSGGTNLFLTAVHEIGHSLGLGHSSDPKAVMFPTYKYVDINTFRLSADDIRGIQ
SLYG
;
A
2 'polypeptide(L)' GP(HYP)GP(HYP)GP(HYP)GP(HYP)GPPGVVGEQGEQGP(HYP)GP(HYP)GP(HYP)GP(HYP) B,C,D
#
loop_
_chem_comp.id
_chem_comp.type
_chem_comp.name
_chem_comp.formula
CA non-polymer 'CALCIUM ION' 'Ca 2'
ZN non-polymer 'ZINC ION' 'Zn 2'
#
# COMPACT_ATOMS: atom_id res chain seq x y z
N PHE A 1 -1.07 -6.89 14.69
CA PHE A 1 -0.75 -8.17 14.03
C PHE A 1 0.34 -7.92 12.97
N ARG A 2 1.57 -7.57 13.39
CA ARG A 2 2.56 -6.87 12.54
C ARG A 2 3.27 -7.73 11.46
N GLU A 3 2.81 -8.95 11.21
CA GLU A 3 3.39 -9.94 10.28
C GLU A 3 2.29 -10.70 9.52
N MET A 4 2.51 -11.09 8.24
CA MET A 4 1.51 -11.87 7.48
C MET A 4 1.08 -13.13 8.25
N PRO A 5 -0.23 -13.49 8.26
CA PRO A 5 -0.73 -14.64 9.00
C PRO A 5 -0.21 -15.94 8.38
N GLY A 6 0.37 -16.81 9.21
CA GLY A 6 1.29 -17.88 8.79
C GLY A 6 2.64 -17.33 8.30
N GLY A 7 2.60 -16.54 7.22
CA GLY A 7 3.67 -15.64 6.79
C GLY A 7 4.56 -16.20 5.67
N PRO A 8 4.35 -15.79 4.40
CA PRO A 8 5.32 -15.98 3.34
C PRO A 8 6.38 -14.87 3.40
N VAL A 9 7.63 -15.24 3.15
CA VAL A 9 8.80 -14.34 3.11
C VAL A 9 9.66 -14.65 1.88
N TRP A 10 10.60 -13.77 1.56
CA TRP A 10 11.66 -14.08 0.57
C TRP A 10 12.78 -14.89 1.22
N ARG A 11 13.20 -15.97 0.58
CA ARG A 11 14.21 -16.95 1.04
C ARG A 11 15.61 -16.67 0.44
N LYS A 12 15.83 -15.40 0.12
CA LYS A 12 17.03 -14.77 -0.46
C LYS A 12 17.02 -13.28 -0.09
N HIS A 13 18.20 -12.66 -0.02
CA HIS A 13 18.38 -11.25 0.33
C HIS A 13 18.37 -10.32 -0.90
N TYR A 14 18.86 -10.80 -2.05
CA TYR A 14 18.93 -10.04 -3.29
C TYR A 14 17.60 -10.10 -4.05
N ILE A 15 16.77 -9.05 -3.90
CA ILE A 15 15.45 -8.91 -4.50
C ILE A 15 15.52 -7.93 -5.68
N THR A 16 14.65 -8.14 -6.68
CA THR A 16 14.55 -7.32 -7.89
C THR A 16 13.16 -6.69 -8.05
N TYR A 17 13.10 -5.53 -8.69
CA TYR A 17 11.84 -4.90 -9.08
C TYR A 17 11.86 -4.39 -10.52
N ARG A 18 10.68 -4.29 -11.12
CA ARG A 18 10.49 -3.67 -12.44
C ARG A 18 9.25 -2.78 -12.39
N ILE A 19 9.37 -1.57 -12.93
CA ILE A 19 8.24 -0.68 -13.17
C ILE A 19 7.66 -1.08 -14.53
N ASN A 20 6.46 -1.67 -14.53
CA ASN A 20 5.82 -2.20 -15.74
C ASN A 20 5.47 -1.08 -16.74
N ASN A 21 4.92 -0.01 -16.21
CA ASN A 21 4.47 1.19 -16.89
C ASN A 21 4.52 2.35 -15.89
N TYR A 22 4.54 3.58 -16.40
CA TYR A 22 4.58 4.79 -15.57
C TYR A 22 3.22 5.49 -15.57
N THR A 23 2.92 6.23 -14.50
CA THR A 23 1.72 7.06 -14.41
C THR A 23 1.92 8.42 -15.10
N PRO A 24 0.95 8.93 -15.89
CA PRO A 24 1.04 10.22 -16.58
C PRO A 24 0.89 11.42 -15.64
N ASP A 25 0.51 11.19 -14.37
CA ASP A 25 0.33 12.24 -13.36
C ASP A 25 1.66 12.93 -12.98
N MET A 26 2.77 12.19 -13.04
CA MET A 26 4.10 12.56 -12.51
C MET A 26 5.17 12.62 -13.60
N ASN A 27 6.30 13.27 -13.32
CA ASN A 27 7.53 13.12 -14.10
C ASN A 27 8.10 11.70 -13.93
N ARG A 28 8.71 11.13 -14.98
CA ARG A 28 9.27 9.75 -14.96
C ARG A 28 10.31 9.56 -13.85
N GLU A 29 11.19 10.55 -13.68
CA GLU A 29 12.24 10.54 -12.64
C GLU A 29 11.71 10.69 -11.21
N ASP A 30 10.47 11.18 -11.04
CA ASP A 30 9.80 11.29 -9.75
C ASP A 30 9.07 10.00 -9.37
N VAL A 31 8.50 9.27 -10.33
CA VAL A 31 8.01 7.90 -10.11
C VAL A 31 9.18 6.98 -9.72
N ASP A 32 10.30 7.10 -10.44
CA ASP A 32 11.54 6.39 -10.14
C ASP A 32 12.02 6.65 -8.71
N TYR A 33 12.10 7.93 -8.31
CA TYR A 33 12.62 8.33 -7.00
C TYR A 33 11.68 7.96 -5.85
N ALA A 34 10.36 8.02 -6.08
CA ALA A 34 9.35 7.58 -5.11
C ALA A 34 9.51 6.09 -4.79
N ILE A 35 9.59 5.23 -5.82
CA ILE A 35 9.77 3.79 -5.65
C ILE A 35 11.16 3.45 -5.10
N ARG A 36 12.24 4.13 -5.55
CA ARG A 36 13.59 3.92 -5.02
C ARG A 36 13.68 4.24 -3.53
N LYS A 37 13.13 5.38 -3.08
CA LYS A 37 13.07 5.77 -1.66
C LYS A 37 12.14 4.88 -0.83
N ALA A 38 11.06 4.36 -1.42
CA ALA A 38 10.14 3.41 -0.76
C ALA A 38 10.82 2.05 -0.49
N PHE A 39 11.61 1.53 -1.43
CA PHE A 39 12.46 0.36 -1.19
C PHE A 39 13.58 0.67 -0.16
N GLN A 40 14.21 1.86 -0.21
CA GLN A 40 15.25 2.25 0.77
C GLN A 40 14.74 2.29 2.22
N VAL A 41 13.49 2.73 2.44
CA VAL A 41 12.85 2.71 3.77
C VAL A 41 12.92 1.31 4.40
N TRP A 42 12.73 0.27 3.59
CA TRP A 42 12.74 -1.12 4.04
C TRP A 42 14.12 -1.77 4.03
N SER A 43 15.05 -1.40 3.13
CA SER A 43 16.43 -1.93 3.15
C SER A 43 17.28 -1.33 4.27
N ASN A 44 16.90 -0.18 4.83
CA ASN A 44 17.56 0.42 6.00
C ASN A 44 17.54 -0.48 7.26
N VAL A 45 16.56 -1.40 7.35
CA VAL A 45 16.21 -2.16 8.57
C VAL A 45 16.28 -3.67 8.42
N THR A 46 16.74 -4.22 7.28
CA THR A 46 16.90 -5.67 7.06
C THR A 46 18.13 -6.00 6.19
N PRO A 47 18.51 -7.29 6.09
CA PRO A 47 19.52 -7.75 5.12
C PRO A 47 19.17 -7.57 3.63
N LEU A 48 17.94 -7.15 3.28
CA LEU A 48 17.46 -7.14 1.90
C LEU A 48 18.15 -6.06 1.05
N LYS A 49 18.38 -6.38 -0.23
CA LYS A 49 18.93 -5.48 -1.27
C LYS A 49 17.91 -5.39 -2.42
N PHE A 50 17.64 -4.19 -2.93
CA PHE A 50 16.58 -3.95 -3.91
C PHE A 50 17.14 -3.32 -5.20
N SER A 51 16.88 -3.95 -6.35
CA SER A 51 17.42 -3.53 -7.66
C SER A 51 16.37 -3.40 -8.75
N LYS A 52 16.34 -2.25 -9.43
CA LYS A 52 15.49 -2.02 -10.61
C LYS A 52 16.08 -2.73 -11.84
N ILE A 53 15.23 -3.40 -12.61
CA ILE A 53 15.55 -4.02 -13.92
C ILE A 53 14.54 -3.59 -14.99
N ASN A 54 14.94 -3.63 -16.26
CA ASN A 54 14.20 -2.98 -17.37
C ASN A 54 13.67 -3.94 -18.44
N THR A 55 14.05 -5.22 -18.40
CA THR A 55 13.48 -6.31 -19.21
C THR A 55 13.53 -7.64 -18.45
N GLY A 56 12.69 -8.61 -18.84
CA GLY A 56 12.52 -9.90 -18.18
C GLY A 56 11.61 -9.87 -16.94
N MET A 57 11.58 -11.01 -16.23
CA MET A 57 10.80 -11.21 -15.00
C MET A 57 11.51 -10.61 -13.78
N ALA A 58 10.77 -9.91 -12.91
CA ALA A 58 11.26 -9.41 -11.62
C ALA A 58 10.59 -10.17 -10.46
N ASP A 59 11.14 -10.06 -9.24
CA ASP A 59 10.47 -10.55 -8.04
C ASP A 59 9.21 -9.70 -7.78
N ILE A 60 9.34 -8.37 -7.77
CA ILE A 60 8.27 -7.41 -7.52
C ILE A 60 7.98 -6.59 -8.78
N LEU A 61 6.80 -6.76 -9.37
CA LEU A 61 6.33 -5.85 -10.43
C LEU A 61 5.57 -4.67 -9.82
N VAL A 62 5.92 -3.44 -10.21
CA VAL A 62 5.17 -2.21 -9.92
C VAL A 62 4.32 -1.87 -11.14
N VAL A 63 3.00 -1.74 -10.98
CA VAL A 63 2.04 -1.61 -12.09
C VAL A 63 1.07 -0.46 -11.83
N PHE A 64 0.77 0.36 -12.85
CA PHE A 64 -0.36 1.29 -12.81
C PHE A 64 -1.50 0.79 -13.71
N ALA A 65 -2.71 0.76 -13.18
CA ALA A 65 -3.90 0.20 -13.84
C ALA A 65 -5.18 0.90 -13.36
N ARG A 66 -6.31 0.75 -14.06
CA ARG A 66 -7.61 1.22 -13.54
C ARG A 66 -8.71 0.20 -13.80
N GLY A 67 -9.79 0.27 -13.01
CA GLY A 67 -10.87 -0.72 -13.05
C GLY A 67 -10.36 -2.16 -12.86
N ALA A 68 -10.98 -3.09 -13.58
CA ALA A 68 -10.54 -4.48 -13.63
C ALA A 68 -9.21 -4.61 -14.41
N HIS A 69 -8.21 -5.24 -13.78
CA HIS A 69 -6.82 -5.30 -14.22
C HIS A 69 -6.16 -6.69 -14.00
N GLY A 70 -6.95 -7.78 -14.07
CA GLY A 70 -6.45 -9.16 -14.20
C GLY A 70 -6.21 -9.95 -12.91
N ASP A 71 -6.67 -9.47 -11.75
CA ASP A 71 -6.82 -10.29 -10.53
C ASP A 71 -8.08 -9.93 -9.76
N PHE A 72 -8.48 -10.71 -8.74
CA PHE A 72 -9.73 -10.54 -7.97
C PHE A 72 -9.77 -9.27 -7.07
N HIS A 73 -9.06 -8.22 -7.46
CA HIS A 73 -8.80 -6.98 -6.71
C HIS A 73 -9.10 -5.76 -7.59
N ALA A 74 -10.21 -5.78 -8.34
CA ALA A 74 -10.57 -4.73 -9.30
C ALA A 74 -10.64 -3.34 -8.64
N PHE A 75 -10.08 -2.35 -9.33
CA PHE A 75 -10.16 -0.94 -8.97
C PHE A 75 -11.48 -0.32 -9.47
N ASP A 76 -11.70 0.96 -9.17
CA ASP A 76 -13.05 1.46 -8.84
C ASP A 76 -13.26 2.98 -9.05
N GLY A 77 -12.59 3.58 -10.03
CA GLY A 77 -12.67 5.03 -10.26
C GLY A 77 -11.91 5.86 -9.21
N LYS A 78 -12.03 7.19 -9.25
CA LYS A 78 -11.41 8.09 -8.25
C LYS A 78 -11.87 7.77 -6.83
N GLY A 79 -10.95 7.83 -5.87
CA GLY A 79 -11.21 7.41 -4.50
C GLY A 79 -11.49 5.92 -4.40
N GLY A 80 -12.04 5.45 -3.28
CA GLY A 80 -12.05 4.01 -2.97
C GLY A 80 -10.64 3.43 -3.09
N ILE A 81 -10.47 2.27 -3.72
CA ILE A 81 -9.17 1.59 -3.81
C ILE A 81 -8.13 2.47 -4.51
N LEU A 82 -6.96 2.69 -3.91
CA LEU A 82 -5.84 3.39 -4.55
C LEU A 82 -4.68 2.45 -4.93
N ALA A 83 -4.59 1.27 -4.30
CA ALA A 83 -3.61 0.23 -4.63
C ALA A 83 -3.99 -1.16 -4.05
N HIS A 84 -3.25 -2.19 -4.47
CA HIS A 84 -3.15 -3.50 -3.80
C HIS A 84 -1.79 -4.16 -4.05
N ALA A 85 -1.23 -4.83 -3.06
CA ALA A 85 -0.06 -5.70 -3.19
C ALA A 85 -0.43 -7.19 -3.37
N PHE A 86 0.59 -8.05 -3.43
CA PHE A 86 0.53 -9.48 -3.17
C PHE A 86 1.72 -9.90 -2.29
N GLY A 87 1.53 -10.89 -1.42
CA GLY A 87 2.59 -11.40 -0.54
C GLY A 87 3.76 -12.07 -1.30
N PRO A 88 4.95 -12.21 -0.66
CA PRO A 88 6.10 -12.90 -1.24
C PRO A 88 5.77 -14.27 -1.85
N GLY A 89 6.42 -14.59 -2.97
CA GLY A 89 6.19 -15.80 -3.74
C GLY A 89 6.37 -15.57 -5.25
N SER A 90 6.29 -16.64 -6.03
CA SER A 90 6.51 -16.63 -7.48
C SER A 90 5.40 -15.94 -8.29
N GLY A 91 5.72 -15.58 -9.54
CA GLY A 91 4.76 -14.98 -10.48
C GLY A 91 4.10 -13.71 -9.94
N ILE A 92 2.77 -13.70 -9.81
CA ILE A 92 2.03 -12.55 -9.25
C ILE A 92 2.40 -12.22 -7.79
N GLY A 93 3.05 -13.15 -7.08
CA GLY A 93 3.60 -12.90 -5.75
C GLY A 93 4.60 -11.75 -5.76
N GLY A 94 4.57 -10.96 -4.68
CA GLY A 94 5.32 -9.73 -4.51
C GLY A 94 4.79 -8.50 -5.25
N ASP A 95 3.82 -8.61 -6.16
CA ASP A 95 3.56 -7.51 -7.10
C ASP A 95 2.64 -6.43 -6.51
N ALA A 96 2.97 -5.17 -6.80
CA ALA A 96 2.34 -3.97 -6.25
C ALA A 96 1.61 -3.20 -7.37
N HIS A 97 0.28 -3.26 -7.37
CA HIS A 97 -0.61 -2.64 -8.36
C HIS A 97 -1.19 -1.34 -7.78
N PHE A 98 -1.19 -0.25 -8.54
CA PHE A 98 -1.66 1.09 -8.14
C PHE A 98 -2.75 1.59 -9.10
N ASP A 99 -3.75 2.31 -8.59
CA ASP A 99 -4.90 2.77 -9.36
C ASP A 99 -4.61 4.09 -10.10
N GLU A 100 -4.87 4.13 -11.40
CA GLU A 100 -4.54 5.23 -12.29
C GLU A 100 -5.62 6.33 -12.32
N ASP A 101 -6.86 6.04 -11.91
CA ASP A 101 -7.86 7.10 -11.72
C ASP A 101 -7.45 8.09 -10.61
N GLU A 102 -6.62 7.64 -9.68
CA GLU A 102 -6.01 8.49 -8.65
C GLU A 102 -4.90 9.37 -9.23
N PHE A 103 -4.61 10.49 -8.58
CA PHE A 103 -3.64 11.47 -9.06
C PHE A 103 -2.36 11.43 -8.23
N TRP A 104 -1.35 10.72 -8.74
CA TRP A 104 -0.09 10.48 -8.07
C TRP A 104 0.81 11.71 -8.01
N THR A 105 1.51 11.90 -6.90
CA THR A 105 2.29 13.09 -6.59
C THR A 105 3.59 12.79 -5.84
N THR A 106 4.52 13.73 -5.97
CA THR A 106 5.74 13.86 -5.14
C THR A 106 5.46 14.46 -3.75
N HIS A 107 4.32 15.12 -3.57
CA HIS A 107 4.13 16.18 -2.58
C HIS A 107 2.91 15.93 -1.67
N SER A 108 2.56 16.90 -0.81
CA SER A 108 1.50 16.73 0.19
C SER A 108 0.08 16.71 -0.41
N GLY A 109 -0.14 17.47 -1.49
CA GLY A 109 -1.35 17.39 -2.31
C GLY A 109 -1.43 16.11 -3.15
N GLY A 110 -2.63 15.78 -3.63
CA GLY A 110 -2.89 14.61 -4.47
C GLY A 110 -2.78 13.27 -3.73
N THR A 111 -1.87 12.38 -4.19
CA THR A 111 -1.76 10.97 -3.76
C THR A 111 -0.27 10.60 -3.70
N ASN A 112 0.34 10.57 -2.51
CA ASN A 112 1.81 10.54 -2.40
C ASN A 112 2.39 9.14 -2.63
N LEU A 113 2.88 8.89 -3.86
CA LEU A 113 3.30 7.55 -4.29
C LEU A 113 4.35 6.89 -3.38
N PHE A 114 5.35 7.65 -2.89
CA PHE A 114 6.36 7.13 -1.96
C PHE A 114 5.73 6.53 -0.70
N LEU A 115 4.82 7.25 -0.04
CA LEU A 115 4.18 6.80 1.19
C LEU A 115 3.24 5.60 0.97
N THR A 116 2.47 5.58 -0.13
CA THR A 116 1.63 4.43 -0.49
C THR A 116 2.47 3.21 -0.83
N ALA A 117 3.55 3.40 -1.60
CA ALA A 117 4.47 2.35 -1.97
C ALA A 117 5.18 1.75 -0.75
N VAL A 118 5.47 2.52 0.31
CA VAL A 118 6.00 1.94 1.56
C VAL A 118 5.03 0.90 2.16
N HIS A 119 3.72 1.13 2.18
CA HIS A 119 2.77 0.13 2.71
C HIS A 119 2.60 -1.08 1.79
N GLU A 120 2.36 -0.87 0.49
CA GLU A 120 2.11 -1.99 -0.41
C GLU A 120 3.39 -2.79 -0.73
N ILE A 121 4.58 -2.15 -0.86
CA ILE A 121 5.86 -2.89 -0.85
C ILE A 121 6.05 -3.59 0.50
N GLY A 122 5.58 -3.01 1.62
CA GLY A 122 5.57 -3.70 2.91
C GLY A 122 4.80 -5.03 2.88
N HIS A 123 3.64 -5.07 2.22
CA HIS A 123 2.94 -6.34 1.96
C HIS A 123 3.68 -7.22 0.92
N SER A 124 4.33 -6.66 -0.10
CA SER A 124 5.26 -7.37 -1.00
C SER A 124 6.50 -7.96 -0.31
N LEU A 125 6.76 -7.56 0.93
CA LEU A 125 7.79 -8.13 1.81
C LEU A 125 7.22 -9.09 2.87
N GLY A 126 5.88 -9.16 3.01
CA GLY A 126 5.20 -10.09 3.92
C GLY A 126 4.75 -9.49 5.26
N LEU A 127 4.66 -8.17 5.38
CA LEU A 127 4.12 -7.52 6.58
C LEU A 127 2.61 -7.78 6.75
N GLY A 128 2.19 -7.85 8.02
CA GLY A 128 0.79 -7.88 8.44
C GLY A 128 0.26 -6.47 8.54
N HIS A 129 -0.43 -6.15 9.64
CA HIS A 129 -0.79 -4.78 10.02
C HIS A 129 -0.55 -4.49 11.50
N SER A 130 -0.13 -3.26 11.81
CA SER A 130 -0.21 -2.71 13.16
C SER A 130 -1.65 -2.27 13.52
N SER A 131 -1.93 -2.12 14.81
CA SER A 131 -3.17 -1.55 15.36
C SER A 131 -3.02 -0.14 15.94
N ASP A 132 -1.85 0.46 15.74
CA ASP A 132 -1.45 1.78 16.24
C ASP A 132 -1.52 2.84 15.11
N PRO A 133 -2.32 3.92 15.26
CA PRO A 133 -2.36 5.05 14.32
C PRO A 133 -1.03 5.69 13.91
N LYS A 134 0.06 5.48 14.67
CA LYS A 134 1.41 5.98 14.33
C LYS A 134 2.15 5.10 13.32
N ALA A 135 1.69 3.90 13.03
CA ALA A 135 2.37 2.94 12.15
C ALA A 135 2.05 3.15 10.66
N VAL A 136 3.00 2.83 9.78
CA VAL A 136 2.77 2.84 8.32
C VAL A 136 2.01 1.59 7.87
N MET A 137 2.23 0.44 8.52
CA MET A 137 1.41 -0.76 8.31
C MET A 137 0.10 -0.76 9.11
N PHE A 138 -0.32 0.36 9.69
CA PHE A 138 -1.66 0.50 10.22
C PHE A 138 -2.68 0.46 9.06
N PRO A 139 -3.94 0.02 9.27
CA PRO A 139 -5.03 0.18 8.29
C PRO A 139 -5.40 1.64 7.95
N THR A 140 -4.57 2.66 8.27
CA THR A 140 -4.80 4.07 7.92
C THR A 140 -3.50 4.76 7.51
N TYR A 141 -3.38 5.20 6.24
CA TYR A 141 -2.39 6.18 5.81
C TYR A 141 -2.73 7.52 6.47
N LYS A 142 -1.72 8.23 6.95
CA LYS A 142 -1.78 9.68 7.16
C LYS A 142 -0.71 10.35 6.31
N TYR A 143 -0.95 11.55 5.80
CA TYR A 143 0.16 12.28 5.17
C TYR A 143 1.10 12.74 6.28
N VAL A 144 2.39 12.46 6.11
CA VAL A 144 3.48 12.93 6.95
C VAL A 144 4.53 13.57 6.06
N ASP A 145 5.25 14.58 6.57
CA ASP A 145 6.24 15.31 5.77
C ASP A 145 7.34 14.35 5.29
N ILE A 146 7.32 14.02 3.99
CA ILE A 146 8.17 12.95 3.44
C ILE A 146 9.67 13.23 3.61
N ASN A 147 10.03 14.51 3.73
CA ASN A 147 11.39 14.99 3.95
C ASN A 147 11.97 14.57 5.31
N THR A 148 11.14 14.25 6.30
CA THR A 148 11.55 13.82 7.66
C THR A 148 11.03 12.44 8.05
N PHE A 149 10.55 11.64 7.09
CA PHE A 149 9.92 10.33 7.31
C PHE A 149 10.73 9.37 8.20
N ARG A 150 10.02 8.63 9.07
CA ARG A 150 10.52 7.49 9.85
C ARG A 150 9.46 6.38 9.92
N LEU A 151 9.88 5.12 9.89
CA LEU A 151 9.06 3.99 10.33
C LEU A 151 8.65 4.15 11.80
N SER A 152 7.52 3.57 12.20
CA SER A 152 7.17 3.44 13.62
C SER A 152 7.84 2.21 14.24
N ALA A 153 7.98 2.18 15.57
CA ALA A 153 8.62 1.05 16.24
C ALA A 153 7.89 -0.28 15.96
N ASP A 154 6.55 -0.28 15.83
CA ASP A 154 5.74 -1.48 15.53
C ASP A 154 5.88 -1.95 14.07
N ASP A 155 6.32 -1.10 13.15
CA ASP A 155 6.69 -1.48 11.77
C ASP A 155 8.09 -2.10 11.73
N ILE A 156 9.04 -1.54 12.49
CA ILE A 156 10.38 -2.09 12.66
C ILE A 156 10.29 -3.46 13.37
N ARG A 157 9.44 -3.61 14.40
CA ARG A 157 9.17 -4.90 15.05
C ARG A 157 8.68 -5.94 14.04
N GLY A 158 7.75 -5.55 13.17
CA GLY A 158 7.18 -6.40 12.12
C GLY A 158 8.22 -6.89 11.12
N ILE A 159 8.94 -5.98 10.46
CA ILE A 159 9.88 -6.35 9.39
C ILE A 159 11.07 -7.14 9.95
N GLN A 160 11.56 -6.78 11.15
CA GLN A 160 12.63 -7.53 11.83
C GLN A 160 12.16 -8.89 12.39
N SER A 161 10.84 -9.16 12.44
CA SER A 161 10.31 -10.50 12.78
C SER A 161 10.24 -11.45 11.57
N LEU A 162 10.44 -10.93 10.36
CA LEU A 162 10.42 -11.67 9.09
C LEU A 162 11.81 -11.80 8.46
N TYR A 163 12.71 -10.84 8.71
CA TYR A 163 14.06 -10.77 8.15
C TYR A 163 15.07 -10.33 9.22
N GLY A 164 16.21 -11.03 9.32
CA GLY A 164 17.26 -10.79 10.31
C GLY A 164 16.84 -11.12 11.74
N GLY B 1 -5.24 -53.10 6.92
CA GLY B 1 -5.02 -52.49 5.59
C GLY B 1 -4.10 -51.29 5.69
N PRO B 2 -3.40 -50.90 4.59
CA PRO B 2 -2.48 -49.76 4.59
C PRO B 2 -3.21 -48.41 4.66
N HYP B 3 -2.84 -47.51 5.59
CA HYP B 3 -3.39 -46.16 5.66
C HYP B 3 -3.08 -45.34 4.39
O HYP B 3 -2.02 -45.48 3.78
CB HYP B 3 -2.80 -45.50 6.91
CG HYP B 3 -2.34 -46.68 7.77
CD HYP B 3 -1.96 -47.73 6.73
OD1 HYP B 3 -3.39 -47.16 8.59
HA HYP B 3 -4.47 -46.24 5.78
HB2 HYP B 3 -1.94 -44.89 6.65
HB3 HYP B 3 -3.54 -44.89 7.42
HG HYP B 3 -1.48 -46.41 8.38
HD22 HYP B 3 -0.92 -47.59 6.42
HD23 HYP B 3 -2.10 -48.72 7.15
HD1 HYP B 3 -3.11 -48.02 8.98
N GLY B 4 -4.03 -44.50 3.99
CA GLY B 4 -3.93 -43.69 2.77
C GLY B 4 -2.86 -42.58 2.81
N PRO B 5 -2.56 -41.97 1.65
CA PRO B 5 -1.74 -40.77 1.56
C PRO B 5 -2.52 -39.53 2.03
N HYP B 6 -1.85 -38.41 2.36
CA HYP B 6 -2.51 -37.18 2.83
C HYP B 6 -3.47 -36.57 1.81
O HYP B 6 -3.27 -36.70 0.60
CB HYP B 6 -1.38 -36.19 3.16
CG HYP B 6 -0.16 -37.08 3.40
CD HYP B 6 -0.40 -38.25 2.44
OD1 HYP B 6 -0.12 -37.54 4.75
HA HYP B 6 -3.05 -37.42 3.74
HB2 HYP B 6 -1.18 -35.55 2.30
HB3 HYP B 6 -1.63 -35.59 4.03
HG HYP B 6 0.76 -36.55 3.15
HD22 HYP B 6 -0.02 -37.99 1.45
HD23 HYP B 6 0.10 -39.14 2.81
HD1 HYP B 6 0.15 -36.80 5.33
N GLY B 7 -4.48 -35.85 2.29
CA GLY B 7 -5.36 -35.06 1.43
C GLY B 7 -4.69 -33.81 0.80
N PRO B 8 -5.33 -33.15 -0.18
CA PRO B 8 -4.85 -31.93 -0.81
C PRO B 8 -4.54 -30.77 0.17
N HYP B 9 -3.68 -29.79 -0.18
CA HYP B 9 -3.09 -28.83 0.77
C HYP B 9 -3.96 -27.66 1.25
O HYP B 9 -3.42 -26.57 1.43
CB HYP B 9 -1.76 -28.36 0.14
CG HYP B 9 -1.49 -29.33 -1.00
CD HYP B 9 -2.90 -29.74 -1.42
OD1 HYP B 9 -0.71 -30.44 -0.57
HA HYP B 9 -2.85 -29.39 1.67
HB2 HYP B 9 -1.89 -27.37 -0.30
HB3 HYP B 9 -0.95 -28.35 0.87
HG HYP B 9 -0.98 -28.84 -1.83
HD22 HYP B 9 -3.32 -28.99 -2.07
HD23 HYP B 9 -2.85 -30.69 -1.95
HD1 HYP B 9 0.21 -30.22 -0.72
N GLY B 10 -5.27 -27.85 1.45
CA GLY B 10 -6.20 -26.86 2.01
C GLY B 10 -6.60 -25.73 1.04
N PRO B 11 -7.82 -25.15 1.17
CA PRO B 11 -8.20 -23.98 0.37
C PRO B 11 -7.40 -22.75 0.82
N HYP B 12 -6.95 -21.86 -0.10
CA HYP B 12 -6.24 -20.65 0.29
C HYP B 12 -7.09 -19.77 1.21
O HYP B 12 -8.32 -19.78 1.15
CB HYP B 12 -5.89 -19.90 -1.01
CG HYP B 12 -6.04 -20.95 -2.12
CD HYP B 12 -7.04 -21.96 -1.55
OD1 HYP B 12 -4.80 -21.56 -2.42
HA HYP B 12 -5.32 -20.92 0.80
HB2 HYP B 12 -6.60 -19.10 -1.18
HB3 HYP B 12 -4.88 -19.50 -0.97
HG HYP B 12 -6.44 -20.48 -3.01
HD22 HYP B 12 -8.06 -21.70 -1.86
HD23 HYP B 12 -6.80 -22.97 -1.89
HD1 HYP B 12 -4.20 -20.87 -2.75
N GLY B 13 -6.43 -18.98 2.07
CA GLY B 13 -7.11 -18.08 2.99
C GLY B 13 -7.97 -17.04 2.24
N PRO B 14 -9.11 -16.63 2.82
CA PRO B 14 -9.89 -15.51 2.28
C PRO B 14 -9.08 -14.21 2.21
N PRO B 15 -9.40 -13.28 1.29
CA PRO B 15 -8.71 -12.00 1.17
C PRO B 15 -8.81 -11.14 2.44
N GLY B 16 -7.77 -10.35 2.70
CA GLY B 16 -7.76 -9.37 3.80
C GLY B 16 -8.85 -8.31 3.67
N VAL B 17 -9.20 -7.65 4.78
CA VAL B 17 -10.31 -6.67 4.85
C VAL B 17 -9.99 -5.39 4.06
N VAL B 18 -11.00 -4.78 3.45
CA VAL B 18 -10.87 -3.45 2.78
C VAL B 18 -10.50 -2.36 3.79
N GLY B 19 -9.69 -1.39 3.39
CA GLY B 19 -9.35 -0.23 4.25
C GLY B 19 -10.57 0.61 4.68
N GLU B 20 -10.43 1.36 5.78
CA GLU B 20 -11.37 2.42 6.19
C GLU B 20 -11.19 3.70 5.35
N GLN B 21 -11.61 4.86 5.85
CA GLN B 21 -11.65 6.13 5.10
C GLN B 21 -10.57 7.14 5.52
N GLY B 22 -9.95 7.79 4.53
CA GLY B 22 -8.89 8.79 4.66
C GLY B 22 -9.29 10.00 5.50
N GLU B 23 -8.37 10.45 6.36
CA GLU B 23 -8.53 11.73 7.05
C GLU B 23 -8.65 12.87 6.03
N GLN B 24 -9.44 13.89 6.35
CA GLN B 24 -9.72 14.99 5.44
C GLN B 24 -8.48 15.88 5.25
N GLY B 25 -8.41 16.56 4.11
CA GLY B 25 -7.26 17.38 3.74
C GLY B 25 -7.06 18.58 4.67
N PRO B 26 -5.81 19.05 4.87
CA PRO B 26 -5.54 20.19 5.73
C PRO B 26 -6.12 21.49 5.10
N HYP B 27 -6.68 22.42 5.91
CA HYP B 27 -7.33 23.63 5.39
C HYP B 27 -6.39 24.53 4.60
O HYP B 27 -5.22 24.71 4.97
CB HYP B 27 -7.89 24.39 6.58
CG HYP B 27 -7.94 23.39 7.72
CD HYP B 27 -6.96 22.27 7.33
OD1 HYP B 27 -9.27 22.90 7.87
HA HYP B 27 -8.14 23.32 4.74
HB2 HYP B 27 -7.23 25.21 6.87
HB3 HYP B 27 -8.87 24.80 6.35
HG HYP B 27 -7.62 23.85 8.66
HD22 HYP B 27 -6.05 22.38 7.91
HD23 HYP B 27 -7.43 21.31 7.53
HD1 HYP B 27 -9.84 23.67 8.12
N GLY B 28 -6.92 25.17 3.56
CA GLY B 28 -6.18 26.02 2.63
C GLY B 28 -5.52 27.24 3.30
N PRO B 29 -4.40 27.75 2.73
CA PRO B 29 -3.80 28.99 3.20
C PRO B 29 -4.74 30.18 3.02
N HYP B 30 -4.74 31.17 3.93
CA HYP B 30 -5.40 32.46 3.73
C HYP B 30 -5.08 33.09 2.36
O HYP B 30 -3.96 32.96 1.86
CB HYP B 30 -4.92 33.34 4.89
CG HYP B 30 -4.63 32.34 6.01
CD HYP B 30 -4.14 31.10 5.27
OD1 HYP B 30 -5.82 32.07 6.75
HA HYP B 30 -6.47 32.31 3.81
HB2 HYP B 30 -3.97 33.81 4.60
HB3 HYP B 30 -5.66 34.09 5.16
HG HYP B 30 -3.86 32.73 6.68
HD22 HYP B 30 -3.05 31.13 5.19
HD23 HYP B 30 -4.45 30.20 5.78
HD1 HYP B 30 -5.60 31.48 7.49
N GLY B 31 -6.05 33.78 1.77
CA GLY B 31 -5.88 34.42 0.45
C GLY B 31 -4.88 35.59 0.42
N PRO B 32 -4.52 36.10 -0.77
CA PRO B 32 -3.68 37.30 -0.90
C PRO B 32 -4.41 38.57 -0.42
N HYP B 33 -3.70 39.62 0.03
CA HYP B 33 -4.33 40.89 0.42
C HYP B 33 -5.18 41.51 -0.69
O HYP B 33 -4.88 41.42 -1.88
CB HYP B 33 -3.19 41.82 0.85
CG HYP B 33 -2.08 40.85 1.28
CD HYP B 33 -2.29 39.64 0.36
OD1 HYP B 33 -2.23 40.51 2.64
HA HYP B 33 -4.95 40.69 1.29
HB2 HYP B 33 -2.86 42.42 0.01
HB3 HYP B 33 -3.50 42.47 1.67
HG HYP B 33 -1.09 41.29 1.12
HD22 HYP B 33 -1.69 39.75 -0.54
HD23 HYP B 33 -1.99 38.73 0.88
HD1 HYP B 33 -1.65 39.75 2.87
N GLY B 34 -6.30 42.14 -0.29
CA GLY B 34 -7.34 42.63 -1.18
C GLY B 34 -6.95 43.82 -2.07
N PRO B 35 -7.77 44.15 -3.08
CA PRO B 35 -7.49 45.27 -3.98
C PRO B 35 -7.49 46.63 -3.25
N HYP B 36 -6.63 47.59 -3.66
CA HYP B 36 -6.67 48.97 -3.17
C HYP B 36 -7.96 49.67 -3.57
O HYP B 36 -8.38 50.62 -2.85
CB HYP B 36 -5.44 49.67 -3.75
CG HYP B 36 -4.54 48.53 -4.26
CD HYP B 36 -5.55 47.44 -4.62
OD1 HYP B 36 -3.66 48.09 -3.25
OXT HYP B 36 -8.38 49.53 -4.74
HA HYP B 36 -6.58 48.96 -2.08
HB2 HYP B 36 -5.73 50.29 -4.60
HB3 HYP B 36 -4.94 50.27 -3.00
HG HYP B 36 -3.98 48.84 -5.14
HD22 HYP B 36 -5.92 47.61 -5.63
HD23 HYP B 36 -5.06 46.47 -4.56
HD1 HYP B 36 -2.96 48.76 -3.13
N GLY C 1 -9.49 -50.27 3.42
CA GLY C 1 -8.25 -49.85 4.10
C GLY C 1 -8.43 -48.47 4.72
N PRO C 2 -7.63 -48.10 5.73
CA PRO C 2 -7.83 -46.89 6.51
C PRO C 2 -7.61 -45.59 5.71
N HYP C 3 -8.39 -44.51 5.94
CA HYP C 3 -8.16 -43.21 5.30
C HYP C 3 -6.82 -42.60 5.68
O HYP C 3 -6.30 -42.82 6.77
CB HYP C 3 -9.32 -42.30 5.74
CG HYP C 3 -10.41 -43.28 6.19
CD HYP C 3 -9.61 -44.46 6.73
OD1 HYP C 3 -11.22 -43.67 5.09
HA HYP C 3 -8.21 -43.34 4.22
HB2 HYP C 3 -9.02 -41.70 6.60
HB3 HYP C 3 -9.66 -41.66 4.93
HG HYP C 3 -11.02 -42.84 6.97
HD22 HYP C 3 -9.36 -44.29 7.78
HD23 HYP C 3 -10.19 -45.37 6.63
HD1 HYP C 3 -11.84 -44.33 5.44
N GLY C 4 -6.24 -41.79 4.78
CA GLY C 4 -5.02 -41.03 5.04
C GLY C 4 -5.21 -39.79 5.92
N PRO C 5 -4.10 -39.12 6.31
CA PRO C 5 -4.13 -37.94 7.16
C PRO C 5 -4.74 -36.69 6.49
N HYP C 6 -5.11 -35.66 7.27
CA HYP C 6 -5.43 -34.34 6.72
C HYP C 6 -4.29 -33.77 5.89
O HYP C 6 -3.11 -33.95 6.22
CB HYP C 6 -5.74 -33.44 7.93
CG HYP C 6 -6.09 -34.42 9.05
CD HYP C 6 -5.19 -35.62 8.73
OD1 HYP C 6 -7.46 -34.77 9.01
HA HYP C 6 -6.33 -34.43 6.11
HB2 HYP C 6 -4.85 -32.88 8.22
HB3 HYP C 6 -6.56 -32.76 7.71
HG HYP C 6 -5.84 -34.00 10.03
HD22 HYP C 6 -4.19 -35.46 9.13
HD23 HYP C 6 -5.62 -36.54 9.13
HD1 HYP C 6 -7.98 -33.96 8.89
N GLY C 7 -4.63 -33.04 4.84
CA GLY C 7 -3.64 -32.27 4.07
C GLY C 7 -2.95 -31.17 4.88
N PRO C 8 -1.85 -30.59 4.35
CA PRO C 8 -1.28 -29.35 4.87
C PRO C 8 -2.31 -28.21 4.94
N HYP C 9 -2.14 -27.20 5.81
CA HYP C 9 -2.99 -26.00 5.79
C HYP C 9 -2.84 -25.21 4.48
O HYP C 9 -1.74 -25.14 3.92
CB HYP C 9 -2.56 -25.14 6.99
CG HYP C 9 -1.66 -26.02 7.84
CD HYP C 9 -1.17 -27.11 6.88
OD1 HYP C 9 -2.38 -26.60 8.92
HA HYP C 9 -4.02 -26.30 5.91
HB2 HYP C 9 -1.99 -24.28 6.65
HB3 HYP C 9 -3.44 -24.79 7.54
HG HYP C 9 -0.81 -25.45 8.23
HD22 HYP C 9 -0.19 -26.84 6.48
HD23 HYP C 9 -1.09 -28.07 7.41
HD1 HYP C 9 -2.43 -25.95 9.66
N GLY C 10 -3.92 -24.57 4.04
CA GLY C 10 -3.96 -23.72 2.86
C GLY C 10 -2.94 -22.57 2.85
N PRO C 11 -2.55 -22.06 1.67
CA PRO C 11 -1.76 -20.83 1.56
C PRO C 11 -2.47 -19.64 2.24
N HYP C 12 -1.75 -18.63 2.73
CA HYP C 12 -2.38 -17.41 3.22
C HYP C 12 -3.19 -16.70 2.14
O HYP C 12 -2.91 -16.80 0.94
CB HYP C 12 -1.25 -16.53 3.77
CG HYP C 12 -0.07 -17.47 3.93
CD HYP C 12 -0.30 -18.56 2.90
OD1 HYP C 12 -0.01 -18.01 5.25
HA HYP C 12 -3.04 -17.68 4.04
HB2 HYP C 12 -1.00 -15.75 3.05
HB3 HYP C 12 -1.54 -16.06 4.72
HG HYP C 12 0.87 -16.95 3.71
HD22 HYP C 12 0.16 -18.30 1.96
HD23 HYP C 12 0.10 -19.51 3.26
HD1 HYP C 12 -0.18 -17.29 5.89
N GLY C 13 -4.22 -15.96 2.57
CA GLY C 13 -4.99 -15.10 1.67
C GLY C 13 -4.19 -13.90 1.18
N PRO C 14 -4.60 -13.28 0.06
CA PRO C 14 -4.00 -12.04 -0.41
C PRO C 14 -4.28 -10.87 0.55
N PRO C 15 -3.41 -9.83 0.55
CA PRO C 15 -3.61 -8.66 1.38
C PRO C 15 -4.86 -7.87 0.95
N GLY C 16 -5.39 -7.07 1.87
CA GLY C 16 -6.56 -6.23 1.65
C GLY C 16 -6.27 -5.07 0.71
N VAL C 17 -7.31 -4.61 0.01
CA VAL C 17 -7.24 -3.44 -0.88
C VAL C 17 -7.34 -2.13 -0.10
N VAL C 18 -6.64 -1.09 -0.58
CA VAL C 18 -6.65 0.28 0.00
C VAL C 18 -8.09 0.82 0.12
N GLY C 19 -8.39 1.61 1.15
CA GLY C 19 -9.72 2.14 1.44
C GLY C 19 -10.00 3.51 0.80
N GLU C 20 -11.16 4.11 1.08
CA GLU C 20 -11.56 5.40 0.48
C GLU C 20 -10.57 6.55 0.76
N GLN C 21 -10.11 7.24 -0.29
CA GLN C 21 -9.25 8.43 -0.21
C GLN C 21 -9.90 9.55 0.60
N GLY C 22 -9.10 10.29 1.37
CA GLY C 22 -9.57 11.45 2.13
C GLY C 22 -10.18 12.55 1.25
N GLU C 23 -11.20 13.25 1.75
CA GLU C 23 -11.82 14.37 1.01
C GLU C 23 -10.94 15.62 0.95
N GLN C 24 -11.11 16.42 -0.10
CA GLN C 24 -10.35 17.64 -0.36
C GLN C 24 -10.39 18.61 0.83
N GLY C 25 -9.25 19.19 1.18
CA GLY C 25 -9.15 20.13 2.30
C GLY C 25 -10.08 21.33 2.14
N PRO C 26 -10.60 21.90 3.24
CA PRO C 26 -11.43 23.10 3.18
C PRO C 26 -10.70 24.27 2.50
N HYP C 27 -11.36 25.05 1.63
CA HYP C 27 -10.78 26.26 1.06
C HYP C 27 -10.33 27.25 2.14
O HYP C 27 -10.90 27.31 3.24
CB HYP C 27 -11.87 26.87 0.17
CG HYP C 27 -12.82 25.70 -0.14
CD HYP C 27 -12.68 24.79 1.08
OD1 HYP C 27 -12.43 25.03 -1.33
HA HYP C 27 -9.93 25.98 0.44
HB2 HYP C 27 -12.42 27.62 0.71
HB3 HYP C 27 -11.45 27.29 -0.74
HG HYP C 27 -13.84 26.05 -0.24
HD22 HYP C 27 -13.44 25.06 1.81
HD23 HYP C 27 -12.81 23.75 0.78
HD1 HYP C 27 -12.94 25.46 -2.04
N GLY C 28 -9.28 28.02 1.84
CA GLY C 28 -8.71 28.98 2.79
C GLY C 28 -9.63 30.18 3.09
N PRO C 29 -9.43 30.87 4.22
CA PRO C 29 -10.14 32.11 4.52
C PRO C 29 -9.87 33.21 3.49
N HYP C 30 -10.82 34.13 3.23
CA HYP C 30 -10.56 35.37 2.49
C HYP C 30 -9.30 36.09 2.96
O HYP C 30 -8.99 36.11 4.14
CB HYP C 30 -11.80 36.24 2.74
CG HYP C 30 -12.92 35.24 2.98
CD HYP C 30 -12.21 34.07 3.66
OD1 HYP C 30 -13.49 34.83 1.74
HA HYP C 30 -10.50 35.13 1.43
HB2 HYP C 30 -11.67 36.83 3.66
HB3 HYP C 30 -12.00 36.90 1.89
HG HYP C 30 -13.69 35.66 3.62
HD22 HYP C 30 -12.27 34.19 4.76
HD23 HYP C 30 -12.67 33.13 3.37
HD1 HYP C 30 -14.27 34.29 1.95
N GLY C 31 -8.55 36.67 2.03
CA GLY C 31 -7.30 37.38 2.34
C GLY C 31 -7.47 38.66 3.16
N PRO C 32 -6.38 39.28 3.64
CA PRO C 32 -6.44 40.52 4.42
C PRO C 32 -7.02 41.72 3.64
N HYP C 33 -7.62 42.73 4.28
CA HYP C 33 -8.24 43.86 3.58
C HYP C 33 -7.23 44.69 2.78
O HYP C 33 -6.05 44.76 3.12
CB HYP C 33 -8.94 44.70 4.65
CG HYP C 33 -9.12 43.75 5.82
CD HYP C 33 -7.90 42.83 5.71
OD1 HYP C 33 -10.31 42.99 5.68
HA HYP C 33 -8.99 43.47 2.89
HB2 HYP C 33 -8.30 45.53 4.95
HB3 HYP C 33 -9.90 45.09 4.28
HG HYP C 33 -9.13 44.28 6.77
HD22 HYP C 33 -7.05 43.29 6.21
HD23 HYP C 33 -8.13 41.87 6.16
HD1 HYP C 33 -10.48 42.49 6.49
N GLY C 34 -7.67 45.37 1.71
CA GLY C 34 -6.82 46.22 0.88
C GLY C 34 -6.19 47.40 1.65
N PRO C 35 -5.05 47.94 1.18
CA PRO C 35 -4.34 49.03 1.85
C PRO C 35 -5.00 50.40 1.59
N HYP C 36 -4.81 51.39 2.49
CA HYP C 36 -5.32 52.76 2.33
C HYP C 36 -4.57 53.56 1.24
O HYP C 36 -5.19 54.52 0.71
CB HYP C 36 -5.24 53.42 3.70
CG HYP C 36 -4.30 52.54 4.55
CD HYP C 36 -4.14 51.23 3.77
OD1 HYP C 36 -4.85 52.29 5.82
OXT HYP C 36 -3.32 53.43 1.14
HA HYP C 36 -6.36 52.72 2.02
HB2 HYP C 36 -4.86 54.43 3.63
HB3 HYP C 36 -6.22 53.43 4.15
HG HYP C 36 -3.33 53.02 4.63
HD22 HYP C 36 -3.09 51.01 3.62
HD23 HYP C 36 -4.61 50.42 4.34
HD1 HYP C 36 -4.28 52.68 6.51
N GLY D 1 -4.96 -47.10 1.24
CA GLY D 1 -6.05 -46.39 1.95
C GLY D 1 -6.54 -45.17 1.16
N PRO D 2 -7.77 -44.69 1.40
CA PRO D 2 -8.34 -43.51 0.72
C PRO D 2 -7.53 -42.21 0.94
N HYP D 3 -7.43 -41.29 -0.06
CA HYP D 3 -6.52 -40.11 -0.02
C HYP D 3 -6.94 -38.92 0.86
O HYP D 3 -6.89 -37.77 0.43
CB HYP D 3 -6.28 -39.73 -1.49
CG HYP D 3 -6.70 -40.95 -2.30
CD HYP D 3 -7.85 -41.47 -1.45
OD1 HYP D 3 -5.68 -41.94 -2.39
HA HYP D 3 -5.57 -40.47 0.37
HB2 HYP D 3 -6.93 -38.90 -1.78
HB3 HYP D 3 -5.24 -39.45 -1.67
HG HYP D 3 -7.04 -40.67 -3.29
HD22 HYP D 3 -8.74 -40.86 -1.64
HD23 HYP D 3 -8.05 -42.49 -1.72
HD1 HYP D 3 -5.09 -41.71 -3.13
N GLY D 4 -7.36 -39.17 2.11
CA GLY D 4 -7.43 -38.21 3.22
C GLY D 4 -8.40 -37.01 3.12
N PRO D 5 -8.55 -36.23 4.21
CA PRO D 5 -9.29 -34.95 4.23
C PRO D 5 -8.57 -33.79 3.52
N HYP D 6 -9.23 -33.00 2.65
CA HYP D 6 -8.63 -31.91 1.83
C HYP D 6 -8.01 -30.67 2.52
O HYP D 6 -7.93 -29.62 1.88
CB HYP D 6 -9.70 -31.51 0.82
CG HYP D 6 -10.53 -32.77 0.65
CD HYP D 6 -10.53 -33.35 2.06
OD1 HYP D 6 -9.92 -33.66 -0.27
HA HYP D 6 -7.80 -32.37 1.28
HB2 HYP D 6 -10.33 -30.72 1.23
HB3 HYP D 6 -9.26 -31.19 -0.12
HG HYP D 6 -11.55 -32.54 0.32
HD22 HYP D 6 -11.33 -32.91 2.65
HD23 HYP D 6 -10.67 -34.43 1.97
HD1 HYP D 6 -10.14 -33.38 -1.17
N GLY D 7 -7.54 -30.79 3.77
CA GLY D 7 -6.65 -29.83 4.43
C GLY D 7 -7.34 -28.66 5.15
N PRO D 8 -6.76 -28.12 6.24
CA PRO D 8 -7.29 -26.94 6.93
C PRO D 8 -7.35 -25.70 6.03
N HYP D 9 -8.37 -24.82 6.18
CA HYP D 9 -8.40 -23.54 5.52
C HYP D 9 -7.18 -22.66 5.81
O HYP D 9 -6.71 -22.59 6.95
CB HYP D 9 -9.70 -22.86 5.97
CG HYP D 9 -10.60 -24.03 6.39
CD HYP D 9 -9.61 -25.07 6.90
OD1 HYP D 9 -11.32 -24.55 5.29
HA HYP D 9 -8.45 -23.71 4.43
HB2 HYP D 9 -9.52 -22.23 6.84
HB3 HYP D 9 -10.14 -22.28 5.16
HG HYP D 9 -11.29 -23.73 7.18
HD22 HYP D 9 -9.45 -24.93 7.97
HD23 HYP D 9 -10.00 -26.07 6.70
HD1 HYP D 9 -11.94 -23.86 4.98
N GLY D 10 -6.65 -21.99 4.78
CA GLY D 10 -5.48 -21.13 4.90
C GLY D 10 -5.74 -19.87 5.74
N PRO D 11 -4.69 -19.21 6.29
CA PRO D 11 -4.85 -18.02 7.12
C PRO D 11 -5.45 -16.83 6.35
N HYP D 12 -6.56 -16.19 6.79
CA HYP D 12 -7.15 -15.05 6.07
C HYP D 12 -6.24 -13.80 6.13
O HYP D 12 -5.74 -13.47 7.19
CB HYP D 12 -8.51 -14.77 6.73
CG HYP D 12 -8.72 -15.85 7.80
CD HYP D 12 -7.35 -16.53 7.95
OD1 HYP D 12 -9.71 -16.79 7.41
HA HYP D 12 -7.31 -15.33 5.03
HB2 HYP D 12 -8.52 -13.79 7.20
HB3 HYP D 12 -9.31 -14.81 5.97
HG HYP D 12 -9.01 -15.39 8.74
HD22 HYP D 12 -6.86 -16.16 8.86
HD23 HYP D 12 -7.50 -17.62 8.02
HD1 HYP D 12 -10.58 -16.38 7.51
N GLY D 13 -6.03 -13.13 4.99
CA GLY D 13 -4.94 -12.15 4.77
C GLY D 13 -5.01 -10.85 5.60
N PRO D 14 -3.92 -10.06 5.66
CA PRO D 14 -3.85 -8.79 6.39
C PRO D 14 -4.52 -7.63 5.61
N PRO D 15 -5.14 -6.62 6.25
CA PRO D 15 -5.98 -5.64 5.53
C PRO D 15 -5.33 -4.62 4.57
N GLY D 16 -6.20 -3.76 4.04
CA GLY D 16 -5.94 -2.60 3.19
C GLY D 16 -5.02 -1.56 3.81
N VAL D 17 -5.44 -0.31 3.75
CA VAL D 17 -4.93 0.89 4.45
C VAL D 17 -5.84 2.00 3.96
N VAL D 18 -6.33 2.94 4.78
CA VAL D 18 -7.23 3.97 4.25
C VAL D 18 -6.55 4.72 3.11
N GLY D 19 -7.33 5.12 2.12
CA GLY D 19 -6.80 5.87 1.00
C GLY D 19 -6.25 7.21 1.43
N GLU D 20 -5.14 7.56 0.81
CA GLU D 20 -4.31 8.75 1.00
C GLU D 20 -5.07 9.98 1.51
N GLN D 21 -4.49 10.63 2.52
CA GLN D 21 -5.07 11.80 3.18
C GLN D 21 -5.45 12.86 2.15
N GLY D 22 -6.56 13.56 2.43
CA GLY D 22 -7.19 14.49 1.52
C GLY D 22 -6.27 15.57 0.94
N GLU D 23 -6.62 16.00 -0.26
CA GLU D 23 -5.95 17.06 -1.01
C GLU D 23 -5.70 18.30 -0.18
N GLN D 24 -4.68 19.04 -0.57
CA GLN D 24 -4.48 20.38 -0.11
C GLN D 24 -5.76 21.23 -0.28
N GLY D 25 -6.18 21.96 0.77
CA GLY D 25 -7.24 22.94 0.64
C GLY D 25 -6.85 24.10 -0.31
N PRO D 26 -7.71 24.50 -1.26
CA PRO D 26 -7.45 25.62 -2.16
C PRO D 26 -7.12 26.92 -1.39
N HYP D 27 -6.12 27.72 -1.80
CA HYP D 27 -5.85 29.01 -1.19
C HYP D 27 -7.10 29.91 -1.22
O HYP D 27 -7.81 29.92 -2.23
CB HYP D 27 -4.71 29.65 -1.98
CG HYP D 27 -4.01 28.45 -2.62
CD HYP D 27 -5.17 27.47 -2.87
OD1 HYP D 27 -3.04 27.93 -1.73
HA HYP D 27 -5.54 28.87 -0.16
HB2 HYP D 27 -5.09 30.30 -2.77
HB3 HYP D 27 -4.03 30.21 -1.34
HG HYP D 27 -3.54 28.72 -3.56
HD22 HYP D 27 -5.63 27.70 -3.82
HD23 HYP D 27 -4.82 26.45 -2.90
HD1 HYP D 27 -3.16 26.96 -1.68
N GLY D 28 -7.36 30.64 -0.14
CA GLY D 28 -8.55 31.48 -0.03
C GLY D 28 -8.63 32.56 -1.12
N PRO D 29 -9.81 33.14 -1.38
CA PRO D 29 -9.95 34.23 -2.35
C PRO D 29 -9.24 35.49 -1.84
N HYP D 30 -8.78 36.40 -2.73
CA HYP D 30 -8.20 37.68 -2.33
C HYP D 30 -9.11 38.48 -1.39
O HYP D 30 -10.33 38.35 -1.41
CB HYP D 30 -7.92 38.44 -3.62
CG HYP D 30 -7.78 37.35 -4.69
CD HYP D 30 -8.73 36.25 -4.18
OD1 HYP D 30 -6.43 36.92 -4.75
HA HYP D 30 -7.26 37.46 -1.84
HB2 HYP D 30 -8.77 39.08 -3.87
HB3 HYP D 30 -7.01 39.05 -3.53
HG HYP D 30 -8.10 37.72 -5.66
HD22 HYP D 30 -9.72 36.41 -4.60
HD23 HYP D 30 -8.35 35.27 -4.47
HD1 HYP D 30 -6.32 36.30 -5.51
N GLY D 31 -8.52 39.32 -0.54
CA GLY D 31 -9.26 40.07 0.50
C GLY D 31 -10.27 41.12 -0.02
N PRO D 32 -11.07 41.71 0.88
CA PRO D 32 -12.00 42.78 0.55
C PRO D 32 -11.28 44.11 0.22
N HYP D 33 -11.87 45.00 -0.60
CA HYP D 33 -11.24 46.26 -1.01
C HYP D 33 -10.91 47.23 0.14
O HYP D 33 -11.65 47.33 1.13
CB HYP D 33 -12.20 46.91 -2.01
CG HYP D 33 -12.91 45.71 -2.62
CD HYP D 33 -13.04 44.75 -1.45
OD1 HYP D 33 -12.13 45.13 -3.64
HA HYP D 33 -10.32 46.00 -1.53
HB2 HYP D 33 -12.93 47.53 -1.49
HB3 HYP D 33 -11.67 47.50 -2.75
HG HYP D 33 -13.90 45.98 -3.01
HD22 HYP D 33 -13.95 44.95 -0.89
HD23 HYP D 33 -13.04 43.73 -1.83
HD1 HYP D 33 -12.06 45.78 -4.38
N GLY D 34 -9.82 47.99 -0.04
CA GLY D 34 -9.30 48.98 0.92
C GLY D 34 -10.19 50.23 1.13
N PRO D 35 -9.93 51.04 2.17
CA PRO D 35 -10.85 52.08 2.63
C PRO D 35 -10.82 53.35 1.75
N HYP D 36 -11.97 53.80 1.18
CA HYP D 36 -12.07 55.02 0.37
C HYP D 36 -11.69 56.31 1.09
O HYP D 36 -12.11 56.46 2.26
CB HYP D 36 -13.51 55.08 -0.13
CG HYP D 36 -14.06 53.67 0.00
CD HYP D 36 -13.24 53.08 1.15
OD1 HYP D 36 -13.92 52.91 -1.19
OXT HYP D 36 -11.54 57.30 0.34
HA HYP D 36 -11.40 54.90 -0.49
HB2 HYP D 36 -14.09 55.75 0.50
HB3 HYP D 36 -13.54 55.43 -1.16
HG HYP D 36 -15.13 53.71 0.28
HD22 HYP D 36 -13.77 53.24 2.08
HD23 HYP D 36 -13.10 52.02 0.98
HD1 HYP D 36 -14.49 53.30 -1.89
ZN ZN E . -2.56 -3.17 4.14
ZN ZN F . -4.06 -6.70 -9.57
CA CA G . -9.92 4.07 -6.92
CA CA H . 6.33 -11.23 -8.79
CA CA I . -3.75 9.18 -12.51
#